data_3SQS
#
_entry.id   3SQS
#
_cell.length_a   137.304
_cell.length_b   137.304
_cell.length_c   115.216
_cell.angle_alpha   90.00
_cell.angle_beta   90.00
_cell.angle_gamma   90.00
#
_symmetry.space_group_name_H-M   'I 4 2 2'
#
loop_
_entity.id
_entity.type
_entity.pdbx_description
1 polymer 'mandelate racemase/muconate lactonizing protein'
2 non-polymer 'MAGNESIUM ION'
3 non-polymer GLYCEROL
4 non-polymer 'ACETATE ION'
5 water water
#
_entity_poly.entity_id   1
_entity_poly.type   'polypeptide(L)'
_entity_poly.pdbx_seq_one_letter_code
;MHHHHHHSSGVDLGTENLYFQSMTKIKSVRTRVWNWTGPTVPPQGNFCTNASDALWIQGDAMASFRFHQWLTCEVETEDG
TIGIGNAALAPNVVKQAIDEWYAPLVIGEDPFDYAYLWEKMYRRTHAWGRKGIGMTAISAIDIAIWDLMGKLVGKPVFKL
LGGRTKEKIPVYYSKLYADSIPAMQAEAEEAQKHGYQGYKTRFGYGPKDGPAGMRENLKRVEALREVLGYDVDLMLECYM
GWNLDYTKRMLPKLERFEPRWLEEPVIADDVAGYAELNAMGIVPISGGEHEFSVMGCAELINRKAVSVLQYDTNRVGGIT
AAQKINAIAEAAQIIVIPHAGQMHNYHLTMANMNCPISEYFPVFDVEVGNELFYYIFDGDPEAVDGYLQLDDDTPGLGIT
ISDAHLKHFEITE
;
_entity_poly.pdbx_strand_id   A
#
# COMPACT_ATOMS: atom_id res chain seq x y z
N MET A 23 33.30 -4.87 -1.19
CA MET A 23 32.09 -4.09 -0.80
C MET A 23 32.32 -2.59 -0.84
N THR A 24 31.31 -1.87 -1.31
CA THR A 24 31.37 -0.42 -1.39
C THR A 24 30.41 0.10 -0.30
N LYS A 25 30.88 1.06 0.48
CA LYS A 25 30.08 1.61 1.57
C LYS A 25 29.11 2.72 1.18
N ILE A 26 28.07 2.89 1.99
CA ILE A 26 27.08 3.92 1.74
C ILE A 26 27.75 5.28 1.93
N LYS A 27 27.64 6.12 0.92
CA LYS A 27 28.24 7.45 0.93
C LYS A 27 27.29 8.53 1.41
N SER A 28 26.06 8.52 0.91
CA SER A 28 25.09 9.54 1.29
C SER A 28 23.65 9.09 1.15
N VAL A 29 22.75 9.88 1.73
CA VAL A 29 21.32 9.63 1.68
C VAL A 29 20.68 10.95 1.26
N ARG A 30 20.09 10.97 0.06
CA ARG A 30 19.46 12.18 -0.46
C ARG A 30 17.94 12.03 -0.38
N THR A 31 17.32 12.85 0.46
CA THR A 31 15.87 12.80 0.64
C THR A 31 15.20 14.05 0.11
N ARG A 32 14.20 13.86 -0.76
CA ARG A 32 13.48 14.96 -1.35
C ARG A 32 11.96 14.78 -1.24
N VAL A 33 11.26 15.90 -1.04
CA VAL A 33 9.81 15.90 -0.95
C VAL A 33 9.25 16.54 -2.21
N TRP A 34 8.43 15.79 -2.93
CA TRP A 34 7.83 16.26 -4.17
C TRP A 34 6.40 16.72 -3.91
N ASN A 35 6.15 18.00 -4.18
CA ASN A 35 4.83 18.58 -3.99
C ASN A 35 4.18 18.76 -5.36
N TRP A 36 3.06 18.08 -5.59
CA TRP A 36 2.37 18.18 -6.86
C TRP A 36 1.75 19.57 -7.03
N THR A 37 2.09 20.22 -8.14
CA THR A 37 1.58 21.55 -8.43
C THR A 37 0.85 21.56 -9.76
N GLY A 38 0.79 20.39 -10.41
CA GLY A 38 0.12 20.29 -11.69
C GLY A 38 -1.38 20.24 -11.64
N PRO A 39 -2.03 19.89 -12.76
CA PRO A 39 -3.50 19.81 -12.85
C PRO A 39 -4.11 18.82 -11.87
N THR A 40 -5.22 19.21 -11.28
CA THR A 40 -5.93 18.35 -10.35
C THR A 40 -7.35 18.23 -10.86
N VAL A 41 -7.96 17.08 -10.67
CA VAL A 41 -9.31 16.87 -11.15
C VAL A 41 -10.35 16.90 -10.03
N PRO A 42 -11.44 17.67 -10.24
CA PRO A 42 -12.51 17.77 -9.24
C PRO A 42 -13.29 16.45 -9.22
N PRO A 43 -13.37 15.80 -8.05
CA PRO A 43 -14.06 14.53 -7.82
C PRO A 43 -15.41 14.32 -8.53
N GLN A 44 -15.95 15.37 -9.12
CA GLN A 44 -17.22 15.31 -9.84
C GLN A 44 -18.35 14.62 -9.06
N GLY A 45 -18.34 14.74 -7.74
CA GLY A 45 -19.38 14.12 -6.95
C GLY A 45 -18.92 12.90 -6.17
N ASN A 46 -17.60 12.73 -6.07
CA ASN A 46 -17.02 11.61 -5.33
C ASN A 46 -17.15 11.84 -3.83
N PHE A 47 -17.01 10.76 -3.07
CA PHE A 47 -17.06 10.83 -1.62
C PHE A 47 -16.74 9.44 -1.07
N CYS A 48 -15.84 9.41 -0.11
CA CYS A 48 -15.39 8.16 0.49
C CYS A 48 -15.23 8.27 2.00
N THR A 49 -15.59 7.19 2.70
CA THR A 49 -15.49 7.14 4.15
C THR A 49 -14.04 7.17 4.64
N ASN A 50 -13.85 7.66 5.85
CA ASN A 50 -12.52 7.75 6.45
C ASN A 50 -12.65 8.03 7.94
N ALA A 51 -11.56 7.85 8.68
CA ALA A 51 -11.54 8.06 10.12
C ALA A 51 -12.04 9.44 10.57
N SER A 52 -11.85 10.46 9.72
CA SER A 52 -12.27 11.81 10.06
C SER A 52 -13.76 12.08 9.93
N ASP A 53 -14.49 11.17 9.27
CA ASP A 53 -15.93 11.35 9.10
C ASP A 53 -16.64 11.51 10.43
N ALA A 54 -16.09 10.88 11.47
CA ALA A 54 -16.67 10.96 12.80
C ALA A 54 -16.71 12.40 13.32
N LEU A 55 -15.84 13.24 12.75
CA LEU A 55 -15.78 14.64 13.13
C LEU A 55 -16.87 15.41 12.38
N TRP A 56 -17.54 16.32 13.06
CA TRP A 56 -18.59 17.10 12.41
C TRP A 56 -18.02 18.36 11.78
N ILE A 57 -16.75 18.30 11.41
CA ILE A 57 -16.07 19.43 10.79
C ILE A 57 -16.88 19.96 9.61
N ALA A 63 -12.31 13.13 3.53
CA ALA A 63 -11.08 12.40 3.21
C ALA A 63 -10.09 13.23 2.43
N SER A 64 -9.61 14.31 3.03
CA SER A 64 -8.64 15.18 2.37
C SER A 64 -7.65 14.30 1.61
N PHE A 65 -7.65 14.47 0.30
CA PHE A 65 -6.79 13.72 -0.61
C PHE A 65 -5.32 13.84 -0.21
N ARG A 66 -4.95 13.06 0.80
CA ARG A 66 -3.60 13.05 1.36
C ARG A 66 -2.39 13.02 0.43
N PHE A 67 -2.39 12.13 -0.54
CA PHE A 67 -1.22 11.98 -1.41
C PHE A 67 -0.99 12.95 -2.57
N HIS A 68 -0.65 14.19 -2.22
CA HIS A 68 -0.33 15.23 -3.19
C HIS A 68 1.13 15.61 -2.98
N GLN A 69 1.75 14.89 -2.06
CA GLN A 69 3.16 15.03 -1.71
C GLN A 69 3.73 13.62 -1.72
N TRP A 70 5.03 13.50 -1.97
CA TRP A 70 5.66 12.19 -1.97
C TRP A 70 7.13 12.39 -1.64
N LEU A 71 7.76 11.35 -1.10
CA LEU A 71 9.16 11.43 -0.73
C LEU A 71 10.03 10.42 -1.47
N THR A 72 11.18 10.89 -1.96
CA THR A 72 12.12 10.01 -2.62
C THR A 72 13.34 9.97 -1.72
N CYS A 73 13.93 8.80 -1.59
CA CYS A 73 15.12 8.65 -0.76
C CYS A 73 16.15 7.88 -1.57
N GLU A 74 17.24 8.56 -1.92
CA GLU A 74 18.28 7.93 -2.70
C GLU A 74 19.51 7.65 -1.84
N VAL A 75 19.91 6.38 -1.79
CA VAL A 75 21.06 5.97 -1.02
C VAL A 75 22.17 5.62 -1.99
N GLU A 76 23.24 6.42 -1.95
CA GLU A 76 24.37 6.22 -2.85
C GLU A 76 25.60 5.67 -2.14
N THR A 77 26.27 4.73 -2.79
CA THR A 77 27.47 4.13 -2.23
C THR A 77 28.69 4.86 -2.80
N GLU A 78 29.86 4.61 -2.22
CA GLU A 78 31.08 5.26 -2.68
C GLU A 78 31.38 5.04 -4.16
N ASP A 79 30.95 3.90 -4.69
CA ASP A 79 31.21 3.58 -6.10
C ASP A 79 30.24 4.26 -7.07
N GLY A 80 29.34 5.07 -6.53
CA GLY A 80 28.40 5.79 -7.37
C GLY A 80 27.04 5.11 -7.61
N THR A 81 26.90 3.86 -7.22
CA THR A 81 25.63 3.15 -7.40
C THR A 81 24.56 3.81 -6.53
N ILE A 82 23.35 3.92 -7.05
CA ILE A 82 22.26 4.55 -6.29
C ILE A 82 21.01 3.67 -6.17
N GLY A 83 20.51 3.56 -4.95
CA GLY A 83 19.31 2.78 -4.70
C GLY A 83 18.16 3.75 -4.48
N ILE A 84 16.97 3.43 -4.98
CA ILE A 84 15.83 4.32 -4.85
C ILE A 84 14.72 3.80 -3.94
N GLY A 85 14.42 4.59 -2.91
CA GLY A 85 13.36 4.25 -1.96
C GLY A 85 12.35 5.38 -1.95
N ASN A 86 11.21 5.16 -1.30
CA ASN A 86 10.17 6.19 -1.25
C ASN A 86 9.22 6.00 -0.07
N ALA A 87 8.41 7.02 0.19
CA ALA A 87 7.42 6.99 1.27
C ALA A 87 6.35 8.04 0.93
N ALA A 88 5.12 7.82 1.37
CA ALA A 88 4.04 8.76 1.08
C ALA A 88 3.47 9.44 2.32
N LEU A 89 3.53 8.78 3.47
CA LEU A 89 2.97 9.37 4.69
C LEU A 89 3.76 10.59 5.18
N ALA A 90 3.04 11.67 5.48
CA ALA A 90 3.63 12.91 6.00
C ALA A 90 5.09 13.14 5.59
N PRO A 91 5.35 13.26 4.28
CA PRO A 91 6.69 13.47 3.69
C PRO A 91 7.63 14.48 4.37
N ASN A 92 7.13 15.67 4.72
CA ASN A 92 7.98 16.68 5.34
C ASN A 92 8.46 16.25 6.73
N VAL A 93 7.58 15.60 7.48
CA VAL A 93 7.94 15.13 8.82
C VAL A 93 8.92 13.98 8.69
N VAL A 94 8.64 13.06 7.76
CA VAL A 94 9.50 11.92 7.53
C VAL A 94 10.88 12.36 7.04
N LYS A 95 10.92 13.41 6.22
CA LYS A 95 12.20 13.89 5.70
C LYS A 95 13.08 14.38 6.85
N GLN A 96 12.46 15.11 7.79
CA GLN A 96 13.19 15.63 8.93
C GLN A 96 13.79 14.47 9.73
N ALA A 97 13.01 13.41 9.92
CA ALA A 97 13.49 12.24 10.66
C ALA A 97 14.67 11.58 9.96
N ILE A 98 14.55 11.38 8.65
CA ILE A 98 15.61 10.74 7.89
C ILE A 98 16.90 11.56 7.94
N ASP A 99 16.81 12.85 7.62
CA ASP A 99 18.00 13.71 7.61
C ASP A 99 18.67 13.84 8.97
N GLU A 100 17.87 13.99 10.02
CA GLU A 100 18.39 14.18 11.36
C GLU A 100 18.78 12.91 12.13
N TRP A 101 17.92 11.90 12.12
CA TRP A 101 18.18 10.69 12.88
C TRP A 101 18.64 9.41 12.17
N TYR A 102 17.98 9.06 11.08
CA TYR A 102 18.28 7.83 10.37
C TYR A 102 19.46 7.82 9.39
N ALA A 103 19.55 8.82 8.51
CA ALA A 103 20.64 8.87 7.55
C ALA A 103 22.02 8.65 8.19
N PRO A 104 22.31 9.37 9.29
CA PRO A 104 23.62 9.22 9.96
C PRO A 104 23.94 7.80 10.42
N LEU A 105 22.90 6.98 10.59
CA LEU A 105 23.08 5.61 11.05
C LEU A 105 23.53 4.61 9.97
N VAL A 106 23.31 4.94 8.71
CA VAL A 106 23.69 4.03 7.63
C VAL A 106 24.92 4.48 6.84
N ILE A 107 25.29 5.75 6.98
CA ILE A 107 26.45 6.27 6.27
C ILE A 107 27.72 5.54 6.70
N GLY A 108 28.50 5.07 5.72
CA GLY A 108 29.74 4.36 6.01
C GLY A 108 29.57 2.87 6.19
N GLU A 109 28.34 2.38 6.02
CA GLU A 109 28.05 0.96 6.18
C GLU A 109 27.88 0.20 4.87
N ASP A 110 28.06 -1.11 4.93
CA ASP A 110 27.88 -1.97 3.76
C ASP A 110 26.39 -2.22 3.62
N PRO A 111 25.84 -1.99 2.40
CA PRO A 111 24.40 -2.20 2.17
C PRO A 111 23.99 -3.64 2.49
N PHE A 112 24.92 -4.57 2.34
CA PHE A 112 24.62 -5.98 2.60
C PHE A 112 24.56 -6.37 4.06
N ASP A 113 24.64 -5.38 4.94
CA ASP A 113 24.50 -5.61 6.37
C ASP A 113 23.12 -5.04 6.70
N TYR A 114 22.24 -5.13 5.71
CA TYR A 114 20.88 -4.59 5.82
C TYR A 114 20.08 -4.96 7.08
N ALA A 115 20.19 -6.20 7.54
CA ALA A 115 19.45 -6.60 8.75
C ALA A 115 20.01 -5.86 9.96
N TYR A 116 21.32 -5.64 9.97
CA TYR A 116 21.96 -4.92 11.06
C TYR A 116 21.57 -3.45 10.99
N LEU A 117 21.57 -2.90 9.79
CA LEU A 117 21.22 -1.49 9.62
C LEU A 117 19.76 -1.27 10.01
N TRP A 118 18.91 -2.23 9.69
CA TRP A 118 17.49 -2.11 10.03
C TRP A 118 17.33 -2.08 11.54
N GLU A 119 18.01 -3.02 12.22
CA GLU A 119 17.94 -3.12 13.67
C GLU A 119 18.55 -1.89 14.33
N LYS A 120 19.59 -1.34 13.69
CA LYS A 120 20.25 -0.16 14.23
C LYS A 120 19.27 1.01 14.25
N MET A 121 18.55 1.21 13.15
CA MET A 121 17.58 2.29 13.07
C MET A 121 16.40 2.01 14.00
N TYR A 122 15.95 0.77 14.00
CA TYR A 122 14.81 0.33 14.82
C TYR A 122 15.04 0.51 16.33
N ARG A 123 16.22 0.13 16.80
CA ARG A 123 16.53 0.24 18.23
C ARG A 123 16.99 1.62 18.69
N ARG A 124 17.82 2.28 17.89
CA ARG A 124 18.30 3.60 18.26
C ARG A 124 17.16 4.61 18.40
N THR A 125 16.07 4.39 17.68
CA THR A 125 14.93 5.32 17.74
C THR A 125 13.66 4.65 18.28
N HIS A 126 13.79 3.44 18.82
CA HIS A 126 12.63 2.70 19.30
C HIS A 126 11.67 3.51 20.18
N ALA A 127 12.21 4.40 21.01
CA ALA A 127 11.39 5.20 21.91
C ALA A 127 10.27 5.97 21.20
N TRP A 128 10.54 6.46 20.00
CA TRP A 128 9.55 7.25 19.26
C TRP A 128 9.27 6.79 17.83
N GLY A 129 10.12 5.93 17.28
CA GLY A 129 9.95 5.50 15.89
C GLY A 129 9.28 4.18 15.60
N ARG A 130 8.98 3.44 16.67
CA ARG A 130 8.33 2.13 16.66
C ARG A 130 7.27 1.98 15.56
N LYS A 131 6.40 2.98 15.46
CA LYS A 131 5.35 3.00 14.46
C LYS A 131 5.25 4.43 13.96
N GLY A 132 4.52 4.63 12.86
CA GLY A 132 4.34 5.96 12.33
C GLY A 132 5.52 6.55 11.58
N ILE A 133 5.82 7.80 11.89
CA ILE A 133 6.90 8.54 11.24
C ILE A 133 8.21 7.76 11.18
N GLY A 134 8.70 7.34 12.34
CA GLY A 134 9.94 6.59 12.39
C GLY A 134 10.00 5.39 11.48
N MET A 135 9.05 4.48 11.63
CA MET A 135 9.05 3.27 10.81
C MET A 135 8.88 3.59 9.33
N THR A 136 8.18 4.68 9.02
CA THR A 136 8.00 5.08 7.63
C THR A 136 9.35 5.54 7.09
N ALA A 137 10.10 6.29 7.89
CA ALA A 137 11.41 6.77 7.50
C ALA A 137 12.34 5.58 7.26
N ILE A 138 12.30 4.62 8.19
CA ILE A 138 13.12 3.42 8.05
C ILE A 138 12.75 2.72 6.75
N SER A 139 11.46 2.69 6.44
CA SER A 139 10.97 2.05 5.22
C SER A 139 11.61 2.61 3.95
N ALA A 140 11.60 3.93 3.82
CA ALA A 140 12.17 4.59 2.65
C ALA A 140 13.65 4.26 2.48
N ILE A 141 14.41 4.30 3.56
CA ILE A 141 15.83 3.99 3.50
C ILE A 141 16.09 2.52 3.17
N ASP A 142 15.35 1.63 3.82
CA ASP A 142 15.51 0.19 3.60
C ASP A 142 15.16 -0.23 2.17
N ILE A 143 14.10 0.35 1.61
CA ILE A 143 13.72 0.01 0.24
C ILE A 143 14.87 0.41 -0.69
N ALA A 144 15.45 1.59 -0.44
CA ALA A 144 16.57 2.07 -1.24
C ALA A 144 17.75 1.11 -1.13
N ILE A 145 18.00 0.62 0.08
CA ILE A 145 19.12 -0.29 0.30
C ILE A 145 18.94 -1.59 -0.49
N TRP A 146 17.70 -2.06 -0.63
CA TRP A 146 17.46 -3.28 -1.39
C TRP A 146 17.64 -3.04 -2.89
N ASP A 147 17.18 -1.89 -3.36
CA ASP A 147 17.33 -1.56 -4.78
C ASP A 147 18.84 -1.51 -5.03
N LEU A 148 19.55 -0.93 -4.07
CA LEU A 148 21.00 -0.81 -4.13
C LEU A 148 21.66 -2.19 -4.19
N MET A 149 21.25 -3.11 -3.31
CA MET A 149 21.83 -4.45 -3.32
C MET A 149 21.61 -5.17 -4.64
N GLY A 150 20.39 -5.06 -5.18
CA GLY A 150 20.09 -5.71 -6.45
C GLY A 150 21.01 -5.20 -7.54
N LYS A 151 21.21 -3.89 -7.58
CA LYS A 151 22.07 -3.29 -8.58
C LYS A 151 23.53 -3.70 -8.38
N LEU A 152 23.96 -3.76 -7.13
CA LEU A 152 25.34 -4.14 -6.83
C LEU A 152 25.71 -5.56 -7.24
N VAL A 153 24.76 -6.49 -7.18
CA VAL A 153 25.04 -7.87 -7.61
C VAL A 153 24.39 -8.21 -8.94
N GLY A 154 23.76 -7.21 -9.55
CA GLY A 154 23.11 -7.42 -10.85
C GLY A 154 21.95 -8.39 -10.86
N LYS A 155 21.09 -8.30 -9.85
CA LYS A 155 19.93 -9.19 -9.75
C LYS A 155 18.68 -8.40 -9.42
N PRO A 156 17.53 -8.83 -9.95
CA PRO A 156 16.29 -8.11 -9.64
C PRO A 156 16.05 -8.37 -8.15
N VAL A 157 15.39 -7.45 -7.45
CA VAL A 157 15.14 -7.66 -6.03
C VAL A 157 14.39 -8.97 -5.75
N PHE A 158 13.36 -9.28 -6.53
CA PHE A 158 12.60 -10.50 -6.29
C PHE A 158 13.42 -11.77 -6.37
N LYS A 159 14.52 -11.74 -7.13
CA LYS A 159 15.38 -12.91 -7.23
C LYS A 159 16.11 -13.13 -5.91
N LEU A 160 16.55 -12.05 -5.29
CA LEU A 160 17.26 -12.16 -4.02
C LEU A 160 16.30 -12.58 -2.92
N LEU A 161 15.01 -12.35 -3.13
CA LEU A 161 13.99 -12.68 -2.14
C LEU A 161 13.40 -14.08 -2.27
N GLY A 162 13.70 -14.76 -3.37
CA GLY A 162 13.16 -16.10 -3.53
C GLY A 162 12.94 -16.51 -4.98
N GLY A 163 12.83 -15.52 -5.86
CA GLY A 163 12.64 -15.82 -7.26
C GLY A 163 11.19 -15.79 -7.72
N ARG A 164 10.96 -16.36 -8.90
CA ARG A 164 9.63 -16.38 -9.52
C ARG A 164 8.70 -17.50 -9.03
N THR A 165 7.72 -17.15 -8.21
CA THR A 165 6.77 -18.14 -7.73
C THR A 165 5.50 -18.13 -8.58
N LYS A 166 5.38 -17.12 -9.44
CA LYS A 166 4.21 -16.98 -10.30
C LYS A 166 4.57 -16.63 -11.75
N GLU A 167 3.81 -17.17 -12.70
CA GLU A 167 4.03 -16.92 -14.12
C GLU A 167 3.96 -15.42 -14.37
N LYS A 168 2.95 -14.81 -13.76
CA LYS A 168 2.69 -13.38 -13.82
C LYS A 168 1.82 -13.08 -12.61
N ILE A 169 1.66 -11.81 -12.26
CA ILE A 169 0.89 -11.44 -11.08
C ILE A 169 -0.52 -10.91 -11.36
N PRO A 170 -1.55 -11.65 -10.93
CA PRO A 170 -2.93 -11.22 -11.14
C PRO A 170 -3.13 -10.00 -10.27
N VAL A 171 -3.92 -9.04 -10.74
CA VAL A 171 -4.13 -7.84 -9.97
C VAL A 171 -5.61 -7.49 -9.91
N TYR A 172 -6.02 -6.77 -8.86
CA TYR A 172 -7.40 -6.35 -8.77
C TYR A 172 -7.47 -4.86 -9.00
N TYR A 173 -8.49 -4.44 -9.73
CA TYR A 173 -8.69 -3.03 -10.05
C TYR A 173 -9.01 -2.26 -8.77
N SER A 174 -8.12 -1.36 -8.40
CA SER A 174 -8.35 -0.60 -7.19
C SER A 174 -8.76 0.85 -7.35
N LYS A 175 -10.06 1.08 -7.13
CA LYS A 175 -10.68 2.39 -7.17
C LYS A 175 -12.19 2.17 -7.08
N LEU A 176 -12.98 2.98 -7.78
CA LEU A 176 -14.42 2.82 -7.76
C LEU A 176 -14.92 3.41 -6.46
N TYR A 177 -14.74 4.72 -6.37
CA TYR A 177 -15.18 5.44 -5.20
C TYR A 177 -16.68 5.58 -5.28
N ALA A 178 -17.28 5.88 -4.14
CA ALA A 178 -18.72 6.06 -4.08
C ALA A 178 -19.09 7.28 -4.92
N ASP A 179 -20.21 7.17 -5.64
CA ASP A 179 -20.68 8.26 -6.50
C ASP A 179 -22.13 7.92 -6.82
N SER A 180 -22.69 8.60 -7.81
CA SER A 180 -24.07 8.30 -8.19
C SER A 180 -24.02 6.90 -8.79
N ILE A 181 -25.14 6.17 -8.71
CA ILE A 181 -25.19 4.83 -9.25
C ILE A 181 -24.73 4.81 -10.70
N PRO A 182 -25.28 5.70 -11.54
CA PRO A 182 -24.86 5.72 -12.95
C PRO A 182 -23.34 5.88 -13.12
N ALA A 183 -22.74 6.76 -12.34
CA ALA A 183 -21.31 7.01 -12.43
C ALA A 183 -20.50 5.78 -12.04
N MET A 184 -20.91 5.10 -10.98
CA MET A 184 -20.21 3.91 -10.51
C MET A 184 -20.31 2.78 -11.53
N GLN A 185 -21.51 2.58 -12.07
CA GLN A 185 -21.71 1.52 -13.04
C GLN A 185 -20.93 1.78 -14.33
N ALA A 186 -20.76 3.05 -14.69
CA ALA A 186 -20.02 3.38 -15.89
C ALA A 186 -18.54 3.05 -15.69
N GLU A 187 -18.01 3.36 -14.51
CA GLU A 187 -16.61 3.06 -14.24
C GLU A 187 -16.40 1.55 -14.26
N ALA A 188 -17.33 0.82 -13.64
CA ALA A 188 -17.26 -0.63 -13.58
C ALA A 188 -17.23 -1.24 -14.98
N GLU A 189 -18.12 -0.77 -15.85
CA GLU A 189 -18.19 -1.28 -17.21
C GLU A 189 -16.87 -1.04 -17.96
N GLU A 190 -16.25 0.11 -17.71
CA GLU A 190 -14.99 0.44 -18.35
C GLU A 190 -13.88 -0.48 -17.80
N ALA A 191 -13.84 -0.63 -16.48
CA ALA A 191 -12.84 -1.48 -15.84
C ALA A 191 -12.92 -2.92 -16.34
N GLN A 192 -14.15 -3.42 -16.50
CA GLN A 192 -14.40 -4.79 -16.97
C GLN A 192 -13.73 -5.11 -18.30
N LYS A 193 -13.64 -4.13 -19.17
CA LYS A 193 -13.06 -4.32 -20.49
C LYS A 193 -11.57 -4.63 -20.44
N HIS A 194 -10.95 -4.44 -19.28
CA HIS A 194 -9.53 -4.68 -19.15
C HIS A 194 -9.09 -6.00 -18.52
N GLY A 195 -10.04 -6.94 -18.41
CA GLY A 195 -9.73 -8.27 -17.90
C GLY A 195 -9.49 -8.55 -16.43
N TYR A 196 -9.73 -7.57 -15.56
CA TYR A 196 -9.53 -7.78 -14.13
C TYR A 196 -10.45 -8.86 -13.58
N GLN A 197 -9.95 -9.66 -12.63
CA GLN A 197 -10.78 -10.70 -12.04
C GLN A 197 -11.20 -10.28 -10.64
N GLY A 198 -10.77 -9.08 -10.25
CA GLY A 198 -11.09 -8.53 -8.95
C GLY A 198 -11.26 -7.03 -9.03
N TYR A 199 -12.17 -6.48 -8.22
CA TYR A 199 -12.45 -5.05 -8.21
C TYR A 199 -12.71 -4.60 -6.77
N LYS A 200 -12.09 -3.50 -6.35
CA LYS A 200 -12.32 -3.01 -5.00
C LYS A 200 -13.10 -1.71 -5.10
N THR A 201 -14.04 -1.50 -4.19
CA THR A 201 -14.85 -0.28 -4.17
C THR A 201 -14.82 0.31 -2.77
N ARG A 202 -14.92 1.63 -2.68
CA ARG A 202 -14.89 2.31 -1.39
C ARG A 202 -16.28 2.81 -1.01
N PHE A 203 -16.65 2.60 0.25
CA PHE A 203 -17.95 3.05 0.74
C PHE A 203 -17.95 4.57 0.87
N GLY A 204 -19.14 5.16 0.75
CA GLY A 204 -19.26 6.59 0.88
C GLY A 204 -20.01 7.04 2.13
N TYR A 205 -20.68 6.10 2.81
CA TYR A 205 -21.43 6.42 4.02
C TYR A 205 -20.94 5.61 5.22
N GLY A 206 -21.08 6.19 6.41
CA GLY A 206 -20.66 5.52 7.62
C GLY A 206 -21.61 5.76 8.79
N PRO A 207 -21.17 5.47 10.03
CA PRO A 207 -21.96 5.64 11.25
C PRO A 207 -22.74 6.94 11.34
N LYS A 208 -22.09 8.05 11.00
CA LYS A 208 -22.75 9.36 11.06
C LYS A 208 -23.96 9.49 10.14
N ASP A 209 -23.98 8.73 9.06
CA ASP A 209 -25.09 8.78 8.11
C ASP A 209 -26.27 7.93 8.56
N GLY A 210 -26.13 7.28 9.71
CA GLY A 210 -27.20 6.46 10.26
C GLY A 210 -27.78 5.38 9.36
N PRO A 211 -29.01 4.95 9.63
CA PRO A 211 -29.74 3.91 8.89
C PRO A 211 -29.88 4.20 7.40
N ALA A 212 -30.09 5.47 7.05
CA ALA A 212 -30.24 5.83 5.65
C ALA A 212 -28.94 5.55 4.90
N GLY A 213 -27.82 5.86 5.54
CA GLY A 213 -26.52 5.64 4.93
C GLY A 213 -26.24 4.17 4.68
N MET A 214 -26.79 3.31 5.54
CA MET A 214 -26.60 1.86 5.39
C MET A 214 -27.23 1.41 4.07
N ARG A 215 -28.43 1.92 3.79
CA ARG A 215 -29.13 1.58 2.56
C ARG A 215 -28.35 2.08 1.35
N GLU A 216 -27.84 3.30 1.43
CA GLU A 216 -27.06 3.87 0.33
C GLU A 216 -25.82 3.03 0.05
N ASN A 217 -25.21 2.50 1.10
CA ASN A 217 -24.02 1.66 0.96
C ASN A 217 -24.41 0.36 0.22
N LEU A 218 -25.46 -0.29 0.68
CA LEU A 218 -25.93 -1.54 0.10
C LEU A 218 -26.37 -1.36 -1.36
N LYS A 219 -27.01 -0.24 -1.64
CA LYS A 219 -27.47 0.06 -3.01
C LYS A 219 -26.29 0.09 -3.97
N ARG A 220 -25.17 0.65 -3.49
CA ARG A 220 -23.94 0.78 -4.29
C ARG A 220 -23.28 -0.57 -4.58
N VAL A 221 -23.23 -1.45 -3.59
CA VAL A 221 -22.61 -2.77 -3.77
C VAL A 221 -23.47 -3.56 -4.75
N GLU A 222 -24.78 -3.46 -4.59
CA GLU A 222 -25.71 -4.16 -5.48
C GLU A 222 -25.53 -3.69 -6.91
N ALA A 223 -25.39 -2.38 -7.08
CA ALA A 223 -25.23 -1.78 -8.41
C ALA A 223 -23.97 -2.30 -9.10
N LEU A 224 -22.92 -2.55 -8.32
CA LEU A 224 -21.67 -3.05 -8.89
C LEU A 224 -21.81 -4.53 -9.26
N ARG A 225 -22.51 -5.30 -8.44
CA ARG A 225 -22.71 -6.71 -8.76
C ARG A 225 -23.57 -6.80 -10.02
N GLU A 226 -24.44 -5.81 -10.20
CA GLU A 226 -25.31 -5.77 -11.38
C GLU A 226 -24.46 -5.74 -12.65
N VAL A 227 -23.43 -4.90 -12.64
CA VAL A 227 -22.55 -4.76 -13.79
C VAL A 227 -21.49 -5.85 -13.89
N LEU A 228 -20.74 -6.03 -12.80
CA LEU A 228 -19.65 -7.00 -12.74
C LEU A 228 -20.03 -8.47 -12.64
N GLY A 229 -21.20 -8.75 -12.07
CA GLY A 229 -21.62 -10.13 -11.92
C GLY A 229 -21.00 -10.73 -10.67
N TYR A 230 -21.34 -11.99 -10.38
CA TYR A 230 -20.82 -12.66 -9.18
C TYR A 230 -19.64 -13.59 -9.43
N ASP A 231 -19.08 -13.56 -10.63
CA ASP A 231 -17.96 -14.43 -10.92
C ASP A 231 -16.60 -13.74 -10.95
N VAL A 232 -16.52 -12.61 -10.26
CA VAL A 232 -15.28 -11.86 -10.13
C VAL A 232 -15.22 -11.50 -8.64
N ASP A 233 -14.03 -11.21 -8.14
CA ASP A 233 -13.88 -10.82 -6.74
C ASP A 233 -14.32 -9.37 -6.58
N LEU A 234 -15.07 -9.10 -5.51
CA LEU A 234 -15.51 -7.75 -5.20
C LEU A 234 -15.04 -7.45 -3.78
N MET A 235 -14.13 -6.51 -3.65
CA MET A 235 -13.58 -6.12 -2.36
C MET A 235 -14.19 -4.81 -1.91
N LEU A 236 -14.54 -4.73 -0.63
CA LEU A 236 -15.18 -3.55 -0.06
C LEU A 236 -14.24 -2.83 0.91
N GLU A 237 -14.04 -1.53 0.70
CA GLU A 237 -13.13 -0.77 1.54
C GLU A 237 -13.81 0.31 2.38
N CYS A 238 -13.45 0.37 3.66
CA CYS A 238 -14.01 1.35 4.58
C CYS A 238 -12.99 2.44 4.94
N TYR A 239 -11.71 2.13 4.74
CA TYR A 239 -10.64 3.08 5.03
C TYR A 239 -10.74 3.67 6.44
N MET A 240 -10.96 2.81 7.44
CA MET A 240 -11.08 3.22 8.84
C MET A 240 -12.25 4.16 9.10
N GLY A 241 -13.24 4.16 8.21
CA GLY A 241 -14.37 5.05 8.36
C GLY A 241 -15.59 4.54 9.13
N TRP A 242 -15.56 3.27 9.53
CA TRP A 242 -16.66 2.70 10.30
C TRP A 242 -16.15 2.42 11.71
N ASN A 243 -16.95 1.70 12.50
CA ASN A 243 -16.53 1.33 13.84
C ASN A 243 -17.08 -0.06 14.14
N LEU A 244 -16.68 -0.61 15.28
CA LEU A 244 -17.12 -1.94 15.67
C LEU A 244 -18.65 -2.07 15.65
N ASP A 245 -19.33 -1.13 16.30
CA ASP A 245 -20.78 -1.15 16.36
C ASP A 245 -21.45 -1.24 14.99
N TYR A 246 -21.13 -0.29 14.13
CA TYR A 246 -21.70 -0.20 12.78
C TYR A 246 -21.34 -1.39 11.89
N THR A 247 -20.09 -1.83 11.95
CA THR A 247 -19.65 -2.94 11.12
C THR A 247 -20.37 -4.24 11.49
N LYS A 248 -20.51 -4.50 12.78
CA LYS A 248 -21.18 -5.72 13.24
C LYS A 248 -22.59 -5.80 12.68
N ARG A 249 -23.23 -4.64 12.53
CA ARG A 249 -24.59 -4.60 12.00
C ARG A 249 -24.63 -4.63 10.48
N MET A 250 -23.56 -4.17 9.84
CA MET A 250 -23.50 -4.17 8.36
C MET A 250 -23.11 -5.53 7.77
N LEU A 251 -22.29 -6.29 8.48
CA LEU A 251 -21.84 -7.60 7.99
C LEU A 251 -22.94 -8.52 7.49
N PRO A 252 -23.99 -8.75 8.31
CA PRO A 252 -25.08 -9.64 7.86
C PRO A 252 -25.76 -9.11 6.60
N LYS A 253 -25.76 -7.79 6.46
CA LYS A 253 -26.40 -7.14 5.32
C LYS A 253 -25.57 -7.20 4.04
N LEU A 254 -24.26 -7.33 4.20
CA LEU A 254 -23.34 -7.39 3.07
C LEU A 254 -23.11 -8.82 2.57
N GLU A 255 -23.41 -9.79 3.42
CA GLU A 255 -23.20 -11.19 3.10
C GLU A 255 -23.73 -11.67 1.74
N ARG A 256 -24.96 -11.29 1.39
CA ARG A 256 -25.53 -11.73 0.13
C ARG A 256 -24.79 -11.27 -1.13
N PHE A 257 -23.94 -10.25 -1.01
CA PHE A 257 -23.17 -9.77 -2.16
C PHE A 257 -21.86 -10.55 -2.30
N GLU A 258 -21.65 -11.47 -1.37
CA GLU A 258 -20.46 -12.33 -1.35
C GLU A 258 -19.14 -11.60 -1.60
N PRO A 259 -18.86 -10.53 -0.84
CA PRO A 259 -17.60 -9.81 -1.04
C PRO A 259 -16.41 -10.70 -0.70
N ARG A 260 -15.27 -10.51 -1.37
CA ARG A 260 -14.10 -11.32 -1.06
C ARG A 260 -13.54 -10.89 0.29
N TRP A 261 -13.67 -9.60 0.61
CA TRP A 261 -13.23 -9.10 1.91
C TRP A 261 -13.75 -7.70 2.20
N LEU A 262 -13.68 -7.32 3.48
CA LEU A 262 -14.11 -6.01 3.97
C LEU A 262 -12.83 -5.42 4.56
N GLU A 263 -12.39 -4.31 3.97
CA GLU A 263 -11.13 -3.66 4.35
C GLU A 263 -11.19 -2.51 5.35
N GLU A 264 -10.32 -2.58 6.36
CA GLU A 264 -10.21 -1.56 7.40
C GLU A 264 -11.53 -1.02 7.92
N PRO A 265 -12.41 -1.89 8.45
CA PRO A 265 -13.69 -1.38 8.94
C PRO A 265 -13.56 -0.46 10.16
N VAL A 266 -12.47 -0.62 10.91
CA VAL A 266 -12.26 0.19 12.11
C VAL A 266 -10.90 0.87 12.08
N ILE A 267 -10.69 1.84 12.97
CA ILE A 267 -9.40 2.54 13.02
C ILE A 267 -8.31 1.54 13.39
N ALA A 268 -7.10 1.81 12.95
CA ALA A 268 -5.96 0.92 13.18
C ALA A 268 -5.66 0.57 14.64
N ASP A 269 -6.00 1.46 15.58
CA ASP A 269 -5.76 1.18 16.99
C ASP A 269 -6.75 0.17 17.56
N ASP A 270 -7.86 -0.07 16.86
CA ASP A 270 -8.87 -1.00 17.35
C ASP A 270 -8.58 -2.42 16.89
N VAL A 271 -7.43 -2.95 17.28
CA VAL A 271 -7.05 -4.29 16.88
C VAL A 271 -8.01 -5.32 17.46
N ALA A 272 -8.48 -5.09 18.68
CA ALA A 272 -9.42 -6.01 19.31
C ALA A 272 -10.71 -6.07 18.48
N GLY A 273 -11.13 -4.90 17.98
CA GLY A 273 -12.32 -4.83 17.16
C GLY A 273 -12.13 -5.62 15.88
N TYR A 274 -10.95 -5.52 15.28
CA TYR A 274 -10.62 -6.27 14.07
C TYR A 274 -10.81 -7.75 14.33
N ALA A 275 -10.20 -8.23 15.41
CA ALA A 275 -10.28 -9.65 15.76
C ALA A 275 -11.71 -10.10 16.02
N GLU A 276 -12.50 -9.29 16.72
CA GLU A 276 -13.89 -9.67 16.97
C GLU A 276 -14.68 -9.76 15.67
N LEU A 277 -14.52 -8.77 14.81
CA LEU A 277 -15.22 -8.76 13.52
C LEU A 277 -14.80 -9.94 12.66
N ASN A 278 -13.50 -10.21 12.59
CA ASN A 278 -13.01 -11.30 11.77
C ASN A 278 -13.53 -12.65 12.29
N ALA A 279 -13.69 -12.76 13.60
CA ALA A 279 -14.15 -13.99 14.23
C ALA A 279 -15.64 -14.27 13.98
N MET A 280 -16.39 -13.26 13.56
CA MET A 280 -17.80 -13.46 13.29
C MET A 280 -17.98 -14.40 12.10
N GLY A 281 -16.95 -14.47 11.27
CA GLY A 281 -16.98 -15.33 10.10
C GLY A 281 -18.07 -15.09 9.08
N ILE A 282 -18.42 -13.84 8.84
CA ILE A 282 -19.46 -13.52 7.86
C ILE A 282 -18.77 -13.10 6.57
N VAL A 283 -17.84 -12.16 6.67
CA VAL A 283 -17.06 -11.68 5.53
C VAL A 283 -15.63 -11.60 6.03
N PRO A 284 -14.65 -12.07 5.24
CA PRO A 284 -13.26 -12.00 5.69
C PRO A 284 -12.87 -10.54 5.89
N ILE A 285 -12.16 -10.25 6.98
CA ILE A 285 -11.74 -8.88 7.25
C ILE A 285 -10.28 -8.70 6.84
N SER A 286 -10.00 -7.60 6.15
CA SER A 286 -8.62 -7.32 5.73
C SER A 286 -8.16 -6.02 6.37
N GLY A 287 -6.84 -5.86 6.46
CA GLY A 287 -6.30 -4.66 7.05
C GLY A 287 -4.80 -4.78 7.18
N GLY A 288 -4.16 -3.74 7.71
CA GLY A 288 -2.73 -3.79 7.90
C GLY A 288 -1.95 -2.69 7.22
N GLU A 289 -2.57 -1.95 6.31
CA GLU A 289 -1.87 -0.88 5.62
C GLU A 289 -1.43 0.22 6.59
N HIS A 290 -2.06 0.26 7.75
CA HIS A 290 -1.71 1.24 8.76
C HIS A 290 -1.02 0.60 9.96
N GLU A 291 -0.48 -0.60 9.77
CA GLU A 291 0.24 -1.27 10.84
C GLU A 291 1.74 -1.17 10.54
N PHE A 292 2.54 -1.10 11.59
CA PHE A 292 3.99 -0.93 11.46
C PHE A 292 4.83 -1.98 12.18
N SER A 293 5.99 -2.28 11.58
CA SER A 293 6.98 -3.23 12.08
C SER A 293 6.62 -4.70 11.94
N VAL A 294 7.62 -5.56 12.10
CA VAL A 294 7.40 -6.99 12.00
C VAL A 294 6.52 -7.44 13.14
N MET A 295 6.87 -7.04 14.37
CA MET A 295 6.07 -7.43 15.52
C MET A 295 4.66 -6.86 15.43
N GLY A 296 4.52 -5.70 14.81
CA GLY A 296 3.20 -5.10 14.65
C GLY A 296 2.30 -5.99 13.81
N CYS A 297 2.79 -6.42 12.66
CA CYS A 297 1.99 -7.28 11.79
C CYS A 297 1.90 -8.70 12.32
N ALA A 298 2.92 -9.14 13.06
CA ALA A 298 2.89 -10.50 13.61
C ALA A 298 1.70 -10.62 14.56
N GLU A 299 1.42 -9.54 15.29
CA GLU A 299 0.30 -9.53 16.24
C GLU A 299 -1.02 -9.64 15.49
N LEU A 300 -1.16 -8.94 14.36
CA LEU A 300 -2.40 -9.03 13.59
C LEU A 300 -2.61 -10.46 13.11
N ILE A 301 -1.50 -11.11 12.73
CA ILE A 301 -1.54 -12.47 12.24
C ILE A 301 -1.87 -13.44 13.39
N ASN A 302 -1.10 -13.35 14.47
CA ASN A 302 -1.29 -14.24 15.61
C ASN A 302 -2.64 -14.10 16.30
N ARG A 303 -3.20 -12.90 16.30
CA ARG A 303 -4.49 -12.67 16.93
C ARG A 303 -5.64 -12.86 15.94
N LYS A 304 -5.31 -13.26 14.71
CA LYS A 304 -6.31 -13.45 13.67
C LYS A 304 -7.19 -12.21 13.55
N ALA A 305 -6.54 -11.05 13.58
CA ALA A 305 -7.24 -9.77 13.46
C ALA A 305 -7.69 -9.57 12.01
N VAL A 306 -6.96 -10.18 11.08
CA VAL A 306 -7.29 -10.09 9.66
C VAL A 306 -7.14 -11.44 8.97
N SER A 307 -7.82 -11.60 7.85
CA SER A 307 -7.74 -12.82 7.05
C SER A 307 -6.91 -12.51 5.81
N VAL A 308 -6.67 -11.22 5.59
CA VAL A 308 -5.86 -10.75 4.47
C VAL A 308 -5.05 -9.59 5.03
N LEU A 309 -3.71 -9.73 5.00
CA LEU A 309 -2.80 -8.72 5.51
C LEU A 309 -2.36 -7.79 4.38
N GLN A 310 -2.50 -6.48 4.60
CA GLN A 310 -2.20 -5.49 3.58
C GLN A 310 -1.25 -4.36 3.98
N TYR A 311 -0.11 -4.70 4.55
CA TYR A 311 0.85 -3.66 4.91
C TYR A 311 1.37 -3.04 3.61
N ASP A 312 1.93 -1.84 3.68
CA ASP A 312 2.52 -1.23 2.49
C ASP A 312 4.01 -1.21 2.87
N THR A 313 4.85 -1.79 2.02
CA THR A 313 6.27 -1.86 2.30
C THR A 313 6.94 -0.52 2.58
N ASN A 314 6.39 0.57 2.03
CA ASN A 314 6.99 1.88 2.28
C ASN A 314 6.44 2.55 3.54
N ARG A 315 5.83 1.74 4.40
CA ARG A 315 5.28 2.21 5.67
C ARG A 315 5.66 1.24 6.80
N VAL A 316 5.49 -0.05 6.54
CA VAL A 316 5.70 -1.10 7.53
C VAL A 316 7.12 -1.32 8.04
N GLY A 317 8.12 -0.82 7.32
CA GLY A 317 9.50 -0.99 7.75
C GLY A 317 10.44 -1.36 6.62
N GLY A 318 9.92 -1.42 5.40
CA GLY A 318 10.77 -1.74 4.26
C GLY A 318 10.74 -3.19 3.86
N ILE A 319 11.52 -3.52 2.84
CA ILE A 319 11.58 -4.89 2.33
C ILE A 319 12.15 -5.87 3.34
N THR A 320 13.11 -5.42 4.15
CA THR A 320 13.70 -6.29 5.16
C THR A 320 12.61 -6.76 6.13
N ALA A 321 11.76 -5.83 6.55
CA ALA A 321 10.67 -6.16 7.48
C ALA A 321 9.56 -6.95 6.78
N ALA A 322 9.19 -6.52 5.58
CA ALA A 322 8.15 -7.18 4.80
C ALA A 322 8.48 -8.65 4.50
N GLN A 323 9.75 -8.93 4.20
CA GLN A 323 10.15 -10.30 3.89
C GLN A 323 9.90 -11.17 5.14
N LYS A 324 10.25 -10.65 6.31
CA LYS A 324 10.04 -11.39 7.55
C LYS A 324 8.54 -11.54 7.84
N ILE A 325 7.77 -10.48 7.57
CA ILE A 325 6.32 -10.53 7.79
C ILE A 325 5.70 -11.58 6.88
N ASN A 326 6.15 -11.65 5.63
CA ASN A 326 5.63 -12.63 4.69
C ASN A 326 5.88 -14.06 5.17
N ALA A 327 6.99 -14.28 5.85
CA ALA A 327 7.31 -15.61 6.36
C ALA A 327 6.30 -15.98 7.46
N ILE A 328 6.03 -15.02 8.34
CA ILE A 328 5.09 -15.23 9.44
C ILE A 328 3.68 -15.46 8.92
N ALA A 329 3.24 -14.62 7.99
CA ALA A 329 1.90 -14.74 7.43
C ALA A 329 1.74 -16.07 6.68
N GLU A 330 2.78 -16.46 5.94
CA GLU A 330 2.75 -17.70 5.17
C GLU A 330 2.55 -18.93 6.06
N ALA A 331 3.25 -18.97 7.19
CA ALA A 331 3.13 -20.09 8.10
C ALA A 331 1.71 -20.17 8.67
N ALA A 332 1.07 -19.01 8.80
CA ALA A 332 -0.29 -18.93 9.34
C ALA A 332 -1.34 -19.09 8.23
N GLN A 333 -0.87 -19.07 6.99
CA GLN A 333 -1.71 -19.19 5.81
C GLN A 333 -2.76 -18.07 5.72
N ILE A 334 -2.37 -16.89 6.20
CA ILE A 334 -3.21 -15.69 6.11
C ILE A 334 -2.53 -14.99 4.93
N ILE A 335 -3.22 -14.92 3.80
CA ILE A 335 -2.60 -14.33 2.61
C ILE A 335 -2.21 -12.88 2.74
N VAL A 336 -1.16 -12.51 2.02
CA VAL A 336 -0.65 -11.15 2.02
C VAL A 336 -0.86 -10.52 0.66
N ILE A 337 -1.50 -9.35 0.66
CA ILE A 337 -1.75 -8.59 -0.55
C ILE A 337 -1.44 -7.15 -0.12
N PRO A 338 -0.17 -6.76 -0.26
CA PRO A 338 0.26 -5.42 0.12
C PRO A 338 -0.62 -4.30 -0.39
N HIS A 339 -0.72 -3.23 0.39
CA HIS A 339 -1.48 -2.07 -0.02
C HIS A 339 -0.60 -1.36 -1.05
N ALA A 340 -1.22 -0.95 -2.16
CA ALA A 340 -0.55 -0.23 -3.25
C ALA A 340 0.18 -1.11 -4.24
N GLY A 341 0.10 -0.69 -5.50
CA GLY A 341 0.76 -1.42 -6.57
C GLY A 341 1.99 -0.67 -7.03
N GLN A 342 3.14 -1.00 -6.44
CA GLN A 342 4.40 -0.37 -6.80
C GLN A 342 5.48 -1.44 -6.69
N MET A 343 6.63 -1.18 -7.29
CA MET A 343 7.72 -2.16 -7.25
C MET A 343 8.15 -2.51 -5.84
N HIS A 344 8.07 -1.57 -4.90
CA HIS A 344 8.49 -1.91 -3.55
C HIS A 344 7.61 -2.99 -2.93
N ASN A 345 6.47 -3.28 -3.56
CA ASN A 345 5.57 -4.32 -3.09
C ASN A 345 5.57 -5.51 -4.05
N TYR A 346 5.60 -5.25 -5.35
CA TYR A 346 5.58 -6.32 -6.35
C TYR A 346 6.68 -7.38 -6.23
N HIS A 347 7.90 -6.95 -5.96
CA HIS A 347 9.01 -7.89 -5.84
C HIS A 347 8.81 -8.87 -4.69
N LEU A 348 8.26 -8.37 -3.59
CA LEU A 348 8.00 -9.22 -2.43
C LEU A 348 6.91 -10.25 -2.76
N THR A 349 5.85 -9.79 -3.40
CA THR A 349 4.74 -10.64 -3.79
C THR A 349 5.18 -11.75 -4.73
N MET A 350 6.02 -11.39 -5.70
CA MET A 350 6.51 -12.35 -6.67
C MET A 350 7.26 -13.52 -6.04
N ALA A 351 7.99 -13.25 -4.97
CA ALA A 351 8.82 -14.24 -4.28
C ALA A 351 8.17 -15.13 -3.21
N ASN A 352 6.89 -14.94 -2.93
CA ASN A 352 6.24 -15.76 -1.89
C ASN A 352 4.92 -16.36 -2.36
N MET A 353 4.76 -17.66 -2.13
CA MET A 353 3.56 -18.38 -2.54
C MET A 353 2.28 -17.91 -1.85
N ASN A 354 2.43 -17.35 -0.66
CA ASN A 354 1.30 -16.87 0.13
C ASN A 354 0.87 -15.44 -0.25
N CYS A 355 1.50 -14.91 -1.31
CA CYS A 355 1.19 -13.57 -1.83
C CYS A 355 0.70 -13.81 -3.26
N PRO A 356 -0.59 -14.18 -3.39
CA PRO A 356 -1.26 -14.48 -4.68
C PRO A 356 -1.52 -13.37 -5.69
N ILE A 357 -1.93 -12.19 -5.22
CA ILE A 357 -2.24 -11.09 -6.14
C ILE A 357 -1.77 -9.76 -5.59
N SER A 358 -1.90 -8.70 -6.40
CA SER A 358 -1.49 -7.37 -5.99
C SER A 358 -2.62 -6.37 -6.19
N GLU A 359 -2.55 -5.25 -5.46
CA GLU A 359 -3.54 -4.19 -5.63
C GLU A 359 -3.01 -3.35 -6.77
N TYR A 360 -3.88 -2.93 -7.67
CA TYR A 360 -3.44 -2.13 -8.82
C TYR A 360 -4.18 -0.82 -8.99
N PHE A 361 -3.46 0.28 -8.80
CA PHE A 361 -3.99 1.62 -9.00
C PHE A 361 -3.69 1.89 -10.48
N PRO A 362 -4.71 2.13 -11.29
CA PRO A 362 -4.43 2.40 -12.71
C PRO A 362 -3.73 3.74 -12.89
N VAL A 363 -3.05 3.90 -14.02
CA VAL A 363 -2.36 5.15 -14.30
C VAL A 363 -3.40 6.20 -14.69
N PHE A 364 -3.96 6.87 -13.70
CA PHE A 364 -4.98 7.90 -13.93
C PHE A 364 -4.45 9.28 -13.58
N ASP A 365 -5.33 10.28 -13.73
CA ASP A 365 -4.97 11.65 -13.41
C ASP A 365 -4.82 11.74 -11.90
N VAL A 366 -4.13 12.76 -11.43
CA VAL A 366 -3.94 12.93 -9.99
C VAL A 366 -5.25 13.39 -9.36
N GLU A 367 -5.83 12.53 -8.52
CA GLU A 367 -7.07 12.83 -7.85
C GLU A 367 -6.87 12.64 -6.34
N VAL A 368 -6.83 11.39 -5.90
CA VAL A 368 -6.62 11.10 -4.49
C VAL A 368 -5.13 11.10 -4.17
N GLY A 369 -4.32 10.69 -5.14
CA GLY A 369 -2.88 10.68 -4.92
C GLY A 369 -2.21 9.33 -4.99
N ASN A 370 -3.00 8.26 -4.97
CA ASN A 370 -2.45 6.91 -5.03
C ASN A 370 -1.62 6.72 -6.29
N GLU A 371 -1.98 7.44 -7.34
CA GLU A 371 -1.30 7.33 -8.63
C GLU A 371 -0.10 8.27 -8.78
N LEU A 372 0.12 9.14 -7.81
CA LEU A 372 1.22 10.11 -7.88
C LEU A 372 2.61 9.54 -8.16
N PHE A 373 2.86 8.33 -7.70
CA PHE A 373 4.17 7.70 -7.90
C PHE A 373 4.48 7.44 -9.37
N TYR A 374 3.44 7.31 -10.19
CA TYR A 374 3.61 7.07 -11.62
C TYR A 374 4.25 8.26 -12.31
N TYR A 375 4.04 9.44 -11.72
CA TYR A 375 4.57 10.69 -12.26
C TYR A 375 5.98 10.97 -11.78
N ILE A 376 6.35 10.36 -10.66
CA ILE A 376 7.68 10.55 -10.08
C ILE A 376 8.67 9.51 -10.59
N PHE A 377 8.22 8.26 -10.70
CA PHE A 377 9.07 7.16 -11.14
C PHE A 377 8.65 6.60 -12.49
N ASP A 378 9.59 5.88 -13.10
CA ASP A 378 9.35 5.20 -14.38
C ASP A 378 9.80 3.77 -14.12
N GLY A 379 9.03 2.80 -14.59
CA GLY A 379 9.41 1.42 -14.38
C GLY A 379 8.33 0.58 -13.74
N ASP A 380 7.41 1.20 -13.00
CA ASP A 380 6.33 0.45 -12.37
C ASP A 380 5.51 -0.15 -13.51
N PRO A 381 5.31 -1.48 -13.47
CA PRO A 381 4.56 -2.21 -14.49
C PRO A 381 3.10 -1.78 -14.62
N GLU A 382 2.59 -1.84 -15.84
CA GLU A 382 1.19 -1.50 -16.09
C GLU A 382 0.48 -2.81 -16.41
N ALA A 383 -0.75 -2.92 -15.95
CA ALA A 383 -1.54 -4.13 -16.13
C ALA A 383 -1.91 -4.45 -17.58
N VAL A 384 -1.85 -5.73 -17.92
CA VAL A 384 -2.21 -6.19 -19.25
C VAL A 384 -3.20 -7.34 -19.03
N ASP A 385 -4.45 -7.10 -19.40
CA ASP A 385 -5.50 -8.10 -19.24
C ASP A 385 -5.59 -8.58 -17.79
N GLY A 386 -5.37 -7.65 -16.85
CA GLY A 386 -5.46 -7.97 -15.44
C GLY A 386 -4.25 -8.65 -14.78
N TYR A 387 -3.10 -8.58 -15.43
CA TYR A 387 -1.88 -9.19 -14.89
C TYR A 387 -0.69 -8.24 -15.00
N LEU A 388 0.27 -8.43 -14.12
CA LEU A 388 1.50 -7.63 -14.11
C LEU A 388 2.69 -8.57 -14.29
N GLN A 389 3.77 -8.05 -14.85
CA GLN A 389 4.96 -8.87 -15.06
C GLN A 389 6.21 -8.14 -14.58
N LEU A 390 7.21 -8.91 -14.16
CA LEU A 390 8.48 -8.35 -13.72
C LEU A 390 9.55 -8.92 -14.65
N ASP A 391 10.57 -8.13 -14.94
CA ASP A 391 11.65 -8.59 -15.81
C ASP A 391 12.62 -9.44 -15.01
N ASP A 392 12.98 -10.61 -15.55
CA ASP A 392 13.90 -11.53 -14.88
C ASP A 392 15.33 -11.04 -14.76
N ASP A 393 15.71 -10.04 -15.56
CA ASP A 393 17.09 -9.55 -15.52
C ASP A 393 17.32 -8.18 -14.89
N THR A 394 16.43 -7.23 -15.17
CA THR A 394 16.57 -5.88 -14.64
C THR A 394 16.99 -5.89 -13.17
N PRO A 395 18.19 -5.35 -12.88
CA PRO A 395 18.70 -5.31 -11.50
C PRO A 395 17.91 -4.38 -10.57
N GLY A 396 17.88 -4.74 -9.29
CA GLY A 396 17.18 -3.93 -8.31
C GLY A 396 15.67 -3.97 -8.47
N LEU A 397 15.02 -2.85 -8.16
CA LEU A 397 13.57 -2.73 -8.25
C LEU A 397 13.08 -2.51 -9.68
N GLY A 398 13.98 -2.09 -10.57
CA GLY A 398 13.58 -1.87 -11.94
C GLY A 398 12.90 -0.54 -12.17
N ILE A 399 13.21 0.44 -11.32
CA ILE A 399 12.62 1.78 -11.46
C ILE A 399 13.71 2.84 -11.49
N THR A 400 13.33 4.03 -11.95
CA THR A 400 14.24 5.17 -12.01
C THR A 400 13.39 6.38 -11.66
N ILE A 401 14.02 7.46 -11.21
CA ILE A 401 13.28 8.68 -10.91
C ILE A 401 13.17 9.39 -12.26
N SER A 402 11.94 9.75 -12.64
CA SER A 402 11.67 10.39 -13.93
C SER A 402 11.81 11.91 -13.99
N ASP A 403 12.18 12.40 -15.16
CA ASP A 403 12.32 13.85 -15.39
C ASP A 403 11.07 14.33 -16.13
N ALA A 404 10.27 13.37 -16.58
CA ALA A 404 9.06 13.66 -17.33
C ALA A 404 8.09 14.66 -16.71
N HIS A 405 7.93 14.64 -15.39
CA HIS A 405 6.99 15.54 -14.74
C HIS A 405 7.58 16.55 -13.75
N LEU A 406 8.86 16.87 -13.91
CA LEU A 406 9.49 17.83 -13.01
C LEU A 406 8.71 19.14 -13.04
N LYS A 407 8.10 19.43 -14.18
CA LYS A 407 7.32 20.65 -14.38
C LYS A 407 6.07 20.67 -13.50
N HIS A 408 5.62 19.51 -13.07
CA HIS A 408 4.42 19.41 -12.23
C HIS A 408 4.75 19.30 -10.75
N PHE A 409 6.02 19.42 -10.40
CA PHE A 409 6.42 19.29 -9.00
C PHE A 409 7.28 20.43 -8.46
N GLU A 410 7.09 20.73 -7.19
CA GLU A 410 7.88 21.71 -6.47
C GLU A 410 8.64 20.81 -5.50
N ILE A 411 9.88 20.48 -5.87
CA ILE A 411 10.72 19.59 -5.09
C ILE A 411 11.64 20.29 -4.09
N THR A 412 11.53 19.93 -2.81
CA THR A 412 12.36 20.54 -1.78
C THR A 412 13.40 19.53 -1.28
N GLU A 413 14.56 20.04 -0.90
CA GLU A 413 15.65 19.20 -0.44
C GLU A 413 16.42 19.84 0.71
#